data_5E6B
#
_entry.id   5E6B
#
_cell.length_a   39.185
_cell.length_b   97.045
_cell.length_c   103.329
_cell.angle_alpha   90.00
_cell.angle_beta   90.00
_cell.angle_gamma   90.00
#
_symmetry.space_group_name_H-M   'P 21 21 21'
#
loop_
_entity.id
_entity.type
_entity.pdbx_description
1 polymer 'Glucocorticoid receptor'
2 polymer "DNA (5'-D(*CP*GP*GP*CP*GP*GP*AP*AP*TP*TP*CP*CP*CP*CP*GP*G)-3')"
3 polymer "DNA (5'-D(*CP*CP*GP*GP*GP*GP*AP*AP*TP*TP*CP*CP*GP*CP*CP*G)-3')"
4 non-polymer 'ZINC ION'
5 water water
#
loop_
_entity_poly.entity_id
_entity_poly.type
_entity_poly.pdbx_seq_one_letter_code
_entity_poly.pdbx_strand_id
1 'polypeptide(L)'
;MHHHHHHSSGVDLGTENLYFQSNAPPKLCLVCSDEASGCHYGVLTCGSCKVFFKRAVEGQHNYLCAGRNDCIIDKIRRKN
CPACRYRKCLQAGMNLEARKTKKKIKGIQQATTG
;
A,B
2 'polydeoxyribonucleotide' (DC)(DG)(DG)(DC)(DG)(DG)(DA)(DA)(DT)(DT)(DC)(DC)(DC)(DC)(DG)(DG) C
3 'polydeoxyribonucleotide' (DC)(DC)(DG)(DG)(DG)(DG)(DA)(DA)(DT)(DT)(DC)(DC)(DG)(DC)(DC)(DG) D
#
loop_
_chem_comp.id
_chem_comp.type
_chem_comp.name
_chem_comp.formula
DA DNA linking 2'-DEOXYADENOSINE-5'-MONOPHOSPHATE 'C10 H14 N5 O6 P'
DC DNA linking 2'-DEOXYCYTIDINE-5'-MONOPHOSPHATE 'C9 H14 N3 O7 P'
DG DNA linking 2'-DEOXYGUANOSINE-5'-MONOPHOSPHATE 'C10 H14 N5 O7 P'
DT DNA linking THYMIDINE-5'-MONOPHOSPHATE 'C10 H15 N2 O8 P'
ZN non-polymer 'ZINC ION' 'Zn 2'
#
# COMPACT_ATOMS: atom_id res chain seq x y z
N PRO A 25 11.82 19.28 -23.14
CA PRO A 25 10.83 18.32 -22.63
C PRO A 25 11.42 16.93 -22.41
N PRO A 26 10.83 16.14 -21.50
CA PRO A 26 9.85 16.48 -20.47
C PRO A 26 10.50 16.77 -19.11
N LYS A 27 9.68 17.03 -18.09
CA LYS A 27 10.18 17.16 -16.73
C LYS A 27 9.45 16.17 -15.82
N LEU A 28 10.16 15.63 -14.83
CA LEU A 28 9.62 14.55 -14.02
C LEU A 28 9.31 14.97 -12.59
N CYS A 29 8.27 14.37 -12.02
CA CYS A 29 7.91 14.56 -10.61
C CYS A 29 9.04 14.08 -9.72
N LEU A 30 9.47 14.92 -8.80
CA LEU A 30 10.61 14.60 -7.93
C LEU A 30 10.23 13.59 -6.86
N VAL A 31 8.95 13.25 -6.77
CA VAL A 31 8.49 12.26 -5.80
C VAL A 31 8.32 10.88 -6.45
N CYS A 32 7.40 10.74 -7.39
CA CYS A 32 7.15 9.47 -8.06
C CYS A 32 7.75 9.26 -9.48
N SER A 33 8.44 10.28 -10.00
CA SER A 33 9.07 10.22 -11.35
C SER A 33 8.10 10.25 -12.53
N ASP A 34 6.80 10.28 -12.25
CA ASP A 34 5.79 10.51 -13.29
C ASP A 34 5.96 11.93 -13.83
N GLU A 35 5.39 12.22 -15.01
CA GLU A 35 5.53 13.54 -15.60
C GLU A 35 4.92 14.62 -14.69
N ALA A 36 5.68 15.68 -14.45
CA ALA A 36 5.26 16.75 -13.55
C ALA A 36 4.37 17.77 -14.24
N SER A 37 3.36 18.25 -13.53
CA SER A 37 2.44 19.24 -14.06
C SER A 37 2.86 20.67 -13.72
N GLY A 38 3.85 20.82 -12.86
CA GLY A 38 4.33 22.12 -12.45
C GLY A 38 4.98 22.12 -11.08
N CYS A 39 5.23 23.31 -10.53
CA CYS A 39 5.84 23.43 -9.22
C CYS A 39 4.76 23.55 -8.16
N HIS A 40 4.61 22.52 -7.33
CA HIS A 40 3.55 22.48 -6.34
C HIS A 40 4.13 22.39 -4.93
N TYR A 41 3.69 23.30 -4.07
CA TYR A 41 4.17 23.39 -2.70
C TYR A 41 5.70 23.44 -2.64
N GLY A 42 6.29 24.12 -3.61
CA GLY A 42 7.73 24.36 -3.64
C GLY A 42 8.52 23.37 -4.45
N VAL A 43 7.89 22.27 -4.86
CA VAL A 43 8.61 21.18 -5.52
C VAL A 43 7.95 20.79 -6.84
N LEU A 44 8.76 20.47 -7.84
CA LEU A 44 8.24 20.01 -9.12
C LEU A 44 7.62 18.63 -8.92
N THR A 45 6.33 18.52 -9.23
CA THR A 45 5.57 17.30 -8.97
C THR A 45 4.44 17.09 -9.97
N CYS A 46 3.97 15.85 -10.05
CA CYS A 46 2.75 15.54 -10.78
C CYS A 46 1.52 15.99 -9.99
N GLY A 47 0.39 16.10 -10.67
CA GLY A 47 -0.86 16.47 -10.02
C GLY A 47 -1.27 15.54 -8.89
N SER A 48 -1.05 14.24 -9.06
CA SER A 48 -1.49 13.26 -8.06
C SER A 48 -0.70 13.38 -6.77
N CYS A 49 0.59 13.71 -6.87
CA CYS A 49 1.41 13.90 -5.69
C CYS A 49 1.09 15.23 -5.02
N LYS A 50 0.62 16.20 -5.81
CA LYS A 50 0.21 17.48 -5.26
C LYS A 50 -0.95 17.30 -4.28
N VAL A 51 -2.00 16.62 -4.72
CA VAL A 51 -3.18 16.44 -3.88
C VAL A 51 -2.94 15.42 -2.78
N PHE A 52 -1.99 14.50 -3.00
CA PHE A 52 -1.64 13.53 -1.96
C PHE A 52 -1.01 14.25 -0.77
N PHE A 53 -0.04 15.12 -1.06
CA PHE A 53 0.65 15.84 -0.01
C PHE A 53 -0.33 16.71 0.76
N LYS A 54 -1.23 17.36 0.02
CA LYS A 54 -2.28 18.18 0.61
C LYS A 54 -3.11 17.39 1.62
N ARG A 55 -3.54 16.19 1.23
CA ARG A 55 -4.33 15.34 2.11
C ARG A 55 -3.53 14.86 3.31
N ALA A 56 -2.28 14.46 3.06
CA ALA A 56 -1.44 13.86 4.09
C ALA A 56 -1.00 14.87 5.14
N VAL A 57 -0.72 16.09 4.70
CA VAL A 57 -0.20 17.11 5.59
C VAL A 57 -1.29 17.63 6.53
N GLU A 58 -2.54 17.52 6.09
CA GLU A 58 -3.69 17.90 6.91
C GLU A 58 -4.36 16.70 7.57
N GLY A 59 -3.83 15.51 7.31
CA GLY A 59 -4.45 14.28 7.78
C GLY A 59 -4.06 13.87 9.20
N GLN A 60 -4.23 12.58 9.49
CA GLN A 60 -3.98 12.04 10.83
C GLN A 60 -2.48 11.89 11.12
N HIS A 61 -1.68 11.92 10.05
CA HIS A 61 -0.21 11.94 10.17
C HIS A 61 0.36 10.71 10.87
N ASN A 62 -0.40 9.61 10.87
CA ASN A 62 0.00 8.37 11.53
C ASN A 62 0.56 7.26 10.63
N TYR A 63 0.77 7.54 9.34
CA TYR A 63 1.02 6.51 8.33
C TYR A 63 2.08 5.48 8.72
N LEU A 64 1.80 4.22 8.39
CA LEU A 64 2.70 3.10 8.71
C LEU A 64 3.19 2.41 7.45
N CYS A 65 4.48 2.05 7.45
CA CYS A 65 5.07 1.32 6.33
C CYS A 65 5.07 -0.18 6.63
N ALA A 66 4.69 -0.97 5.64
CA ALA A 66 4.71 -2.44 5.77
C ALA A 66 6.09 -2.98 5.43
N GLY A 67 6.92 -2.13 4.84
CA GLY A 67 8.28 -2.48 4.45
C GLY A 67 9.35 -1.99 5.41
N ARG A 68 10.50 -1.65 4.83
CA ARG A 68 11.66 -1.12 5.56
C ARG A 68 11.76 0.42 5.54
N ASN A 69 10.68 1.08 5.10
CA ASN A 69 10.61 2.52 4.87
C ASN A 69 11.52 3.00 3.73
N ASP A 70 11.95 2.07 2.89
CA ASP A 70 12.62 2.40 1.61
C ASP A 70 11.74 2.16 0.38
N CYS A 71 10.44 1.91 0.57
CA CYS A 71 9.56 1.45 -0.51
C CYS A 71 9.68 2.26 -1.80
N ILE A 72 9.70 1.56 -2.93
CA ILE A 72 9.84 2.22 -4.23
C ILE A 72 8.56 2.97 -4.58
N ILE A 73 8.71 4.27 -4.83
CA ILE A 73 7.56 5.09 -5.17
C ILE A 73 7.66 5.52 -6.63
N ASP A 74 6.80 4.95 -7.46
CA ASP A 74 6.69 5.36 -8.87
C ASP A 74 5.22 5.37 -9.26
N LYS A 75 4.94 5.59 -10.55
CA LYS A 75 3.57 5.70 -11.02
C LYS A 75 2.74 4.47 -10.66
N ILE A 76 3.38 3.31 -10.72
CA ILE A 76 2.69 2.05 -10.43
C ILE A 76 2.51 1.79 -8.93
N ARG A 77 3.57 2.03 -8.17
CA ARG A 77 3.60 1.63 -6.76
C ARG A 77 3.28 2.71 -5.72
N ARG A 78 3.04 3.95 -6.17
CA ARG A 78 2.85 5.05 -5.23
C ARG A 78 1.59 4.91 -4.36
N LYS A 79 0.65 4.09 -4.81
CA LYS A 79 -0.56 3.83 -4.03
C LYS A 79 -0.27 2.97 -2.80
N ASN A 80 0.75 2.12 -2.91
CA ASN A 80 1.01 1.09 -1.90
C ASN A 80 1.40 1.63 -0.52
N CYS A 81 2.28 2.63 -0.50
CA CYS A 81 2.79 3.10 0.79
C CYS A 81 2.72 4.61 0.94
N PRO A 82 1.61 5.11 1.50
CA PRO A 82 1.44 6.52 1.82
C PRO A 82 2.58 7.04 2.71
N ALA A 83 3.04 6.21 3.63
CA ALA A 83 4.11 6.59 4.55
C ALA A 83 5.39 6.95 3.79
N CYS A 84 5.83 6.08 2.89
CA CYS A 84 7.04 6.33 2.13
C CYS A 84 6.84 7.46 1.13
N ARG A 85 5.66 7.52 0.53
CA ARG A 85 5.34 8.60 -0.41
C ARG A 85 5.39 9.95 0.31
N TYR A 86 4.83 10.01 1.51
CA TYR A 86 4.81 11.24 2.30
C TYR A 86 6.22 11.64 2.71
N ARG A 87 7.02 10.64 3.08
CA ARG A 87 8.42 10.87 3.43
C ARG A 87 9.18 11.48 2.25
N LYS A 88 8.96 10.94 1.06
CA LYS A 88 9.62 11.46 -0.13
C LYS A 88 9.15 12.88 -0.46
N CYS A 89 7.87 13.16 -0.23
CA CYS A 89 7.35 14.51 -0.36
C CYS A 89 8.13 15.49 0.50
N LEU A 90 8.30 15.12 1.77
CA LEU A 90 8.99 15.96 2.74
C LEU A 90 10.47 16.11 2.41
N GLN A 91 11.10 14.99 2.06
CA GLN A 91 12.52 14.99 1.73
C GLN A 91 12.78 15.88 0.51
N ALA A 92 11.84 15.88 -0.43
CA ALA A 92 11.95 16.72 -1.62
C ALA A 92 11.76 18.19 -1.27
N GLY A 93 11.20 18.47 -0.10
CA GLY A 93 11.08 19.83 0.38
C GLY A 93 9.70 20.45 0.30
N MET A 94 8.69 19.64 0.00
CA MET A 94 7.32 20.14 -0.11
C MET A 94 6.82 20.73 1.22
N ASN A 95 6.15 21.88 1.14
CA ASN A 95 5.56 22.50 2.31
C ASN A 95 4.37 23.38 1.91
N LEU A 96 3.41 23.54 2.83
CA LEU A 96 2.20 24.30 2.56
C LEU A 96 2.46 25.79 2.38
N GLU A 97 3.56 26.29 2.95
CA GLU A 97 3.83 27.72 2.97
C GLU A 97 4.43 28.22 1.66
N ALA A 98 4.73 27.32 0.74
CA ALA A 98 5.31 27.69 -0.54
C ALA A 98 4.21 28.11 -1.53
N PRO D 26 -9.25 -15.80 21.68
CA PRO D 26 -7.99 -16.55 21.63
C PRO D 26 -7.44 -16.76 20.22
N LYS D 27 -8.33 -16.85 19.23
CA LYS D 27 -7.93 -17.27 17.90
C LYS D 27 -7.82 -16.13 16.89
N LEU D 28 -6.75 -16.18 16.08
CA LEU D 28 -6.41 -15.09 15.16
C LEU D 28 -6.35 -15.53 13.69
N CYS D 29 -6.51 -14.57 12.79
CA CYS D 29 -6.36 -14.82 11.35
C CYS D 29 -4.91 -15.19 11.02
N LEU D 30 -4.73 -16.25 10.23
CA LEU D 30 -3.39 -16.73 9.89
C LEU D 30 -2.70 -15.83 8.87
N VAL D 31 -3.42 -14.85 8.34
CA VAL D 31 -2.84 -13.92 7.39
C VAL D 31 -2.44 -12.60 8.04
N CYS D 32 -3.43 -11.84 8.51
CA CYS D 32 -3.17 -10.53 9.11
C CYS D 32 -3.15 -10.50 10.65
N SER D 33 -3.37 -11.64 11.29
CA SER D 33 -3.36 -11.77 12.75
C SER D 33 -4.56 -11.12 13.46
N ASP D 34 -5.45 -10.49 12.70
CA ASP D 34 -6.70 -9.97 13.25
C ASP D 34 -7.56 -11.15 13.71
N GLU D 35 -8.52 -10.90 14.58
CA GLU D 35 -9.37 -11.97 15.10
C GLU D 35 -10.16 -12.66 13.99
N ALA D 36 -10.07 -13.98 13.94
CA ALA D 36 -10.64 -14.75 12.85
C ALA D 36 -12.14 -14.99 13.04
N SER D 37 -12.88 -14.97 11.93
CA SER D 37 -14.31 -15.21 11.95
C SER D 37 -14.64 -16.69 11.74
N GLY D 38 -13.63 -17.48 11.40
CA GLY D 38 -13.82 -18.90 11.17
C GLY D 38 -12.86 -19.47 10.14
N CYS D 39 -13.15 -20.67 9.66
CA CYS D 39 -12.32 -21.31 8.64
C CYS D 39 -12.88 -21.00 7.26
N HIS D 40 -12.15 -20.21 6.49
CA HIS D 40 -12.61 -19.76 5.19
C HIS D 40 -11.65 -20.20 4.09
N TYR D 41 -12.19 -20.90 3.09
CA TYR D 41 -11.42 -21.42 1.97
C TYR D 41 -10.26 -22.29 2.45
N GLY D 42 -10.50 -23.03 3.54
CA GLY D 42 -9.54 -23.98 4.05
C GLY D 42 -8.68 -23.48 5.18
N VAL D 43 -8.66 -22.17 5.39
CA VAL D 43 -7.75 -21.54 6.35
C VAL D 43 -8.50 -20.65 7.33
N LEU D 44 -8.06 -20.66 8.59
CA LEU D 44 -8.63 -19.77 9.60
C LEU D 44 -8.27 -18.33 9.28
N THR D 45 -9.29 -17.49 9.07
CA THR D 45 -9.08 -16.11 8.63
C THR D 45 -10.16 -15.16 9.15
N CYS D 46 -9.84 -13.88 9.17
CA CYS D 46 -10.82 -12.82 9.43
C CYS D 46 -11.69 -12.60 8.20
N GLY D 47 -12.84 -11.96 8.38
CA GLY D 47 -13.75 -11.67 7.29
C GLY D 47 -13.17 -10.85 6.16
N SER D 48 -12.31 -9.88 6.49
CA SER D 48 -11.72 -9.02 5.47
C SER D 48 -10.78 -9.79 4.55
N CYS D 49 -9.99 -10.69 5.12
CA CYS D 49 -9.07 -11.51 4.33
C CYS D 49 -9.83 -12.54 3.50
N LYS D 50 -10.92 -13.04 4.06
CA LYS D 50 -11.82 -13.94 3.32
C LYS D 50 -12.31 -13.27 2.05
N VAL D 51 -12.85 -12.06 2.19
CA VAL D 51 -13.38 -11.31 1.07
C VAL D 51 -12.28 -10.86 0.12
N PHE D 52 -11.12 -10.50 0.67
CA PHE D 52 -9.99 -10.09 -0.15
C PHE D 52 -9.52 -11.21 -1.06
N PHE D 53 -9.34 -12.40 -0.49
CA PHE D 53 -8.87 -13.56 -1.26
C PHE D 53 -9.86 -13.92 -2.36
N LYS D 54 -11.15 -13.83 -2.04
CA LYS D 54 -12.22 -14.09 -3.00
C LYS D 54 -12.13 -13.14 -4.19
N ARG D 55 -12.00 -11.85 -3.90
CA ARG D 55 -11.92 -10.84 -4.95
C ARG D 55 -10.63 -10.95 -5.76
N ALA D 56 -9.56 -11.41 -5.12
CA ALA D 56 -8.25 -11.51 -5.78
C ALA D 56 -8.21 -12.65 -6.79
N VAL D 57 -8.74 -13.81 -6.41
CA VAL D 57 -8.72 -14.97 -7.28
C VAL D 57 -9.59 -14.78 -8.52
N GLU D 58 -10.79 -14.24 -8.33
CA GLU D 58 -11.74 -14.09 -9.42
C GLU D 58 -11.48 -12.83 -10.25
N GLY D 59 -10.69 -11.92 -9.70
CA GLY D 59 -10.30 -10.73 -10.43
C GLY D 59 -9.09 -11.01 -11.30
N GLN D 60 -8.48 -12.17 -11.08
CA GLN D 60 -7.25 -12.57 -11.76
C GLN D 60 -6.20 -11.48 -11.59
N HIS D 61 -6.19 -10.87 -10.41
CA HIS D 61 -5.37 -9.71 -10.15
C HIS D 61 -3.87 -10.00 -10.21
N ASN D 62 -3.14 -9.08 -10.83
CA ASN D 62 -1.69 -9.11 -10.76
C ASN D 62 -1.20 -7.95 -9.90
N TYR D 63 -0.70 -8.28 -8.72
CA TYR D 63 -0.31 -7.27 -7.74
C TYR D 63 1.20 -7.05 -7.74
N LEU D 64 1.62 -5.81 -7.51
CA LEU D 64 3.04 -5.49 -7.44
C LEU D 64 3.42 -4.93 -6.08
N CYS D 65 4.40 -5.57 -5.44
CA CYS D 65 4.91 -5.11 -4.15
C CYS D 65 5.88 -3.95 -4.34
N ALA D 66 5.77 -2.93 -3.51
CA ALA D 66 6.67 -1.78 -3.57
C ALA D 66 7.91 -2.05 -2.72
N GLY D 67 7.86 -3.15 -2.00
CA GLY D 67 8.95 -3.62 -1.15
C GLY D 67 9.76 -4.76 -1.74
N ARG D 68 10.18 -5.64 -0.84
CA ARG D 68 10.97 -6.83 -1.15
C ARG D 68 10.16 -8.14 -1.25
N ASN D 69 8.84 -8.03 -1.29
CA ASN D 69 7.89 -9.16 -1.22
C ASN D 69 7.92 -9.91 0.11
N ASP D 70 8.47 -9.29 1.15
CA ASP D 70 8.39 -9.81 2.52
C ASP D 70 7.48 -9.01 3.46
N CYS D 71 6.68 -8.10 2.93
CA CYS D 71 5.98 -7.08 3.73
C CYS D 71 5.23 -7.60 4.97
N ILE D 72 5.25 -6.80 6.02
CA ILE D 72 4.48 -7.07 7.23
C ILE D 72 2.99 -6.91 6.97
N ILE D 73 2.22 -7.95 7.25
CA ILE D 73 0.77 -7.88 7.04
C ILE D 73 0.04 -8.00 8.38
N ASP D 74 -0.55 -6.90 8.83
CA ASP D 74 -1.38 -6.90 10.02
C ASP D 74 -2.64 -6.08 9.78
N LYS D 75 -3.43 -5.89 10.82
CA LYS D 75 -4.73 -5.21 10.70
C LYS D 75 -4.64 -3.88 9.97
N ILE D 76 -3.64 -3.07 10.33
CA ILE D 76 -3.44 -1.78 9.68
C ILE D 76 -2.73 -1.90 8.33
N ARG D 77 -1.64 -2.67 8.29
CA ARG D 77 -0.74 -2.68 7.14
C ARG D 77 -1.22 -3.55 5.97
N ARG D 78 -2.24 -4.38 6.19
CA ARG D 78 -2.72 -5.27 5.15
C ARG D 78 -3.24 -4.50 3.93
N LYS D 79 -3.69 -3.27 4.16
CA LYS D 79 -4.15 -2.39 3.09
C LYS D 79 -3.00 -1.99 2.15
N ASN D 80 -1.79 -1.94 2.68
CA ASN D 80 -0.65 -1.43 1.94
C ASN D 80 -0.21 -2.31 0.77
N CYS D 81 -0.12 -3.62 1.02
CA CYS D 81 0.40 -4.51 -0.01
C CYS D 81 -0.49 -5.70 -0.29
N PRO D 82 -1.44 -5.53 -1.24
CA PRO D 82 -2.25 -6.64 -1.74
C PRO D 82 -1.41 -7.81 -2.24
N ALA D 83 -0.23 -7.50 -2.78
CA ALA D 83 0.67 -8.52 -3.30
C ALA D 83 1.10 -9.50 -2.21
N CYS D 84 1.67 -8.97 -1.13
CA CYS D 84 2.14 -9.81 -0.03
C CYS D 84 0.98 -10.42 0.73
N ARG D 85 -0.15 -9.71 0.81
CA ARG D 85 -1.33 -10.24 1.46
C ARG D 85 -1.88 -11.43 0.69
N TYR D 86 -1.94 -11.30 -0.63
CA TYR D 86 -2.41 -12.37 -1.50
C TYR D 86 -1.46 -13.56 -1.44
N ARG D 87 -0.16 -13.27 -1.44
CA ARG D 87 0.87 -14.31 -1.33
C ARG D 87 0.75 -15.09 -0.02
N LYS D 88 0.47 -14.38 1.07
CA LYS D 88 0.31 -15.01 2.37
C LYS D 88 -0.94 -15.90 2.39
N CYS D 89 -1.99 -15.47 1.68
CA CYS D 89 -3.20 -16.26 1.58
C CYS D 89 -2.92 -17.60 0.92
N LEU D 90 -2.21 -17.57 -0.20
CA LEU D 90 -1.89 -18.77 -0.96
C LEU D 90 -0.94 -19.68 -0.19
N GLN D 91 0.04 -19.08 0.47
CA GLN D 91 1.03 -19.84 1.23
C GLN D 91 0.40 -20.47 2.48
N ALA D 92 -0.67 -19.85 2.97
CA ALA D 92 -1.38 -20.39 4.13
C ALA D 92 -2.29 -21.55 3.71
N GLY D 93 -2.50 -21.69 2.41
CA GLY D 93 -3.27 -22.80 1.88
C GLY D 93 -4.68 -22.48 1.42
N MET D 94 -5.03 -21.20 1.36
CA MET D 94 -6.36 -20.78 0.90
C MET D 94 -6.62 -21.20 -0.54
N ASN D 95 -7.80 -21.76 -0.79
CA ASN D 95 -8.19 -22.20 -2.12
C ASN D 95 -9.71 -22.11 -2.31
N LEU D 96 -10.16 -21.82 -3.52
CA LEU D 96 -11.58 -21.64 -3.77
C LEU D 96 -12.39 -22.93 -3.59
N GLU D 97 -11.93 -24.01 -4.19
CA GLU D 97 -12.54 -25.32 -3.92
C GLU D 97 -11.72 -26.01 -2.84
N ALA D 98 -12.33 -26.13 -1.65
CA ALA D 98 -11.64 -26.70 -0.49
C ALA D 98 -12.63 -26.99 0.64
ZN ZN E . 4.35 12.33 -8.49
ZN ZN F . 6.98 2.01 2.71
ZN ZN G . 4.77 -6.33 -0.16
ZN ZN H . -6.94 -11.36 8.20
#